data_5FN7
#
_entry.id   5FN7
#
_cell.length_a   149.610
_cell.length_b   149.610
_cell.length_c   52.730
_cell.angle_alpha   90.00
_cell.angle_beta   90.00
_cell.angle_gamma   120.00
#
_symmetry.space_group_name_H-M   'P 63'
#
loop_
_entity.id
_entity.type
_entity.pdbx_description
1 polymer 'RECEPTOR-TYPE TYROSINE-PROTEIN PHOSPHATASE C'
2 non-polymer 2-acetamido-2-deoxy-beta-D-glucopyranose
3 non-polymer 'MERCURY (II) ION'
4 water water
#
_entity_poly.entity_id   1
_entity_poly.type   'polypeptide(L)'
_entity_poly.pdbx_seq_one_letter_code
;ETGIEGRKPTCDEKYANITVDYLYNKETKLFTAKLNVNENVECGNNTCTNNEVHNLTECKNASVSISHNSCTAPDKTLIL
DVPPGVEKFQLHDCTQVEKADTTICLKWKNIETFTCDTQNITYRFQCGNMIFDNKEIKLENLEPEHEYKCDSEILYNNHK
FTNASKIIKTDFGSPGEGTKHHHHHH
;
_entity_poly.pdbx_strand_id   A,B
#
# COMPACT_ATOMS: atom_id res chain seq x y z
N THR A 2 43.75 29.51 0.69
CA THR A 2 45.19 29.24 0.65
C THR A 2 46.01 30.41 0.07
N GLY A 3 45.54 30.95 -1.06
CA GLY A 3 46.16 32.09 -1.75
C GLY A 3 45.26 33.31 -1.62
N ILE A 4 44.83 33.89 -2.75
CA ILE A 4 43.92 35.05 -2.80
C ILE A 4 42.60 34.75 -2.10
N GLU A 5 42.14 35.73 -1.32
CA GLU A 5 40.88 35.67 -0.61
C GLU A 5 39.74 35.56 -1.65
N GLY A 6 38.81 34.63 -1.39
CA GLY A 6 37.70 34.34 -2.29
C GLY A 6 36.77 35.52 -2.40
N ARG A 7 36.31 35.81 -3.63
CA ARG A 7 35.39 36.93 -3.85
C ARG A 7 34.09 36.67 -3.14
N LYS A 8 33.61 37.67 -2.41
CA LYS A 8 32.34 37.55 -1.72
C LYS A 8 31.22 37.65 -2.75
N PRO A 9 30.21 36.74 -2.70
CA PRO A 9 29.07 36.87 -3.63
C PRO A 9 28.13 37.98 -3.15
N THR A 10 27.10 38.30 -3.92
CA THR A 10 26.09 39.23 -3.42
C THR A 10 25.19 38.35 -2.55
N CYS A 11 24.53 38.93 -1.54
CA CYS A 11 23.62 38.16 -0.70
C CYS A 11 22.44 37.65 -1.51
N ASP A 12 22.03 38.43 -2.53
CA ASP A 12 20.98 38.04 -3.48
C ASP A 12 21.44 36.82 -4.26
N GLU A 13 22.76 36.71 -4.53
CA GLU A 13 23.37 35.57 -5.21
C GLU A 13 23.42 34.37 -4.25
N LYS A 14 24.07 34.54 -3.07
CA LYS A 14 24.23 33.49 -2.06
C LYS A 14 22.90 32.87 -1.55
N TYR A 15 21.82 33.69 -1.42
CA TYR A 15 20.52 33.24 -0.92
C TYR A 15 19.36 33.31 -1.94
N ALA A 16 19.65 33.32 -3.26
CA ALA A 16 18.60 33.39 -4.30
C ALA A 16 17.62 32.22 -4.26
N ASN A 17 18.09 31.02 -3.84
CA ASN A 17 17.24 29.83 -3.76
C ASN A 17 16.91 29.33 -2.32
N ILE A 18 17.11 30.19 -1.30
CA ILE A 18 16.79 29.93 0.13
C ILE A 18 15.40 29.31 0.32
N THR A 19 15.30 28.26 1.14
CA THR A 19 14.00 27.66 1.44
C THR A 19 13.55 28.00 2.89
N VAL A 20 12.25 27.87 3.14
CA VAL A 20 11.59 28.20 4.40
C VAL A 20 10.70 27.06 4.86
N ASP A 21 10.62 26.82 6.17
CA ASP A 21 9.65 25.88 6.75
C ASP A 21 8.68 26.68 7.59
N TYR A 22 7.38 26.40 7.48
CA TYR A 22 6.34 27.11 8.23
C TYR A 22 5.88 26.32 9.44
N LEU A 23 5.99 26.93 10.62
CA LEU A 23 5.61 26.30 11.89
C LEU A 23 4.45 27.10 12.51
N TYR A 24 3.27 26.49 12.59
CA TYR A 24 2.06 27.11 13.13
C TYR A 24 2.03 27.07 14.64
N ASN A 25 1.63 28.18 15.24
CA ASN A 25 1.42 28.28 16.68
C ASN A 25 -0.10 28.32 16.86
N LYS A 26 -0.68 27.24 17.42
CA LYS A 26 -2.14 27.13 17.64
C LYS A 26 -2.69 28.16 18.62
N GLU A 27 -1.85 28.59 19.60
CA GLU A 27 -2.18 29.59 20.63
C GLU A 27 -2.31 30.99 20.05
N THR A 28 -1.37 31.38 19.18
CA THR A 28 -1.37 32.72 18.61
C THR A 28 -2.13 32.78 17.28
N LYS A 29 -2.32 31.63 16.61
CA LYS A 29 -2.96 31.53 15.27
C LYS A 29 -2.02 32.16 14.22
N LEU A 30 -0.71 32.22 14.52
CA LEU A 30 0.32 32.82 13.67
C LEU A 30 1.39 31.79 13.30
N PHE A 31 2.04 32.02 12.16
CA PHE A 31 3.11 31.15 11.67
C PHE A 31 4.47 31.74 11.97
N THR A 32 5.45 30.84 12.12
CA THR A 32 6.87 31.17 12.20
C THR A 32 7.48 30.61 10.90
N ALA A 33 8.31 31.40 10.22
CA ALA A 33 9.02 30.95 9.02
C ALA A 33 10.43 30.64 9.46
N LYS A 34 10.86 29.37 9.34
CA LYS A 34 12.23 29.00 9.67
C LYS A 34 13.04 29.03 8.36
N LEU A 35 14.11 29.85 8.33
CA LEU A 35 15.01 30.01 7.18
C LEU A 35 15.99 28.84 7.17
N ASN A 36 16.01 28.08 6.06
CA ASN A 36 16.88 26.90 5.94
C ASN A 36 18.29 27.33 5.48
N VAL A 37 19.06 27.84 6.46
CA VAL A 37 20.43 28.31 6.32
C VAL A 37 21.22 27.90 7.56
N ASN A 38 22.53 27.61 7.39
CA ASN A 38 23.38 27.23 8.50
C ASN A 38 23.75 28.45 9.38
N GLU A 39 24.39 29.48 8.78
CA GLU A 39 24.83 30.72 9.43
C GLU A 39 23.71 31.62 9.98
N ASN A 40 24.03 32.41 11.04
CA ASN A 40 23.12 33.36 11.66
C ASN A 40 23.03 34.60 10.78
N VAL A 41 21.96 34.65 10.01
CA VAL A 41 21.63 35.66 9.02
C VAL A 41 20.99 36.91 9.66
N GLU A 42 21.13 38.08 9.02
CA GLU A 42 20.56 39.33 9.50
C GLU A 42 19.38 39.69 8.60
N CYS A 43 18.28 40.16 9.21
CA CYS A 43 17.08 40.56 8.46
C CYS A 43 16.74 42.01 8.68
N GLY A 44 16.50 42.71 7.58
CA GLY A 44 16.11 44.12 7.55
C GLY A 44 14.72 44.31 6.95
N ASN A 45 13.84 45.10 7.59
CA ASN A 45 14.01 45.82 8.86
C ASN A 45 13.78 44.82 10.02
N ASN A 46 12.66 44.07 9.91
CA ASN A 46 12.14 43.06 10.84
C ASN A 46 13.16 42.01 11.26
N THR A 47 13.19 41.68 12.56
CA THR A 47 14.11 40.72 13.18
C THR A 47 13.86 39.27 12.73
N CYS A 48 14.93 38.45 12.75
CA CYS A 48 14.87 37.03 12.45
C CYS A 48 15.83 36.25 13.36
N THR A 49 15.55 36.37 14.67
CA THR A 49 16.28 35.71 15.74
C THR A 49 16.23 34.19 15.60
N ASN A 50 17.41 33.55 15.64
CA ASN A 50 17.63 32.10 15.48
C ASN A 50 17.15 31.60 14.11
N ASN A 51 17.26 32.47 13.06
CA ASN A 51 16.85 32.22 11.67
C ASN A 51 15.34 31.93 11.51
N GLU A 52 14.53 32.59 12.36
CA GLU A 52 13.08 32.41 12.37
C GLU A 52 12.38 33.76 12.26
N VAL A 53 11.40 33.89 11.34
CA VAL A 53 10.57 35.10 11.23
C VAL A 53 9.24 34.74 11.91
N HIS A 54 8.95 35.38 13.05
CA HIS A 54 7.75 35.09 13.86
C HIS A 54 6.54 35.94 13.55
N ASN A 55 5.37 35.49 14.04
CA ASN A 55 4.11 36.23 14.00
C ASN A 55 3.64 36.65 12.60
N LEU A 56 3.63 35.68 11.68
CA LEU A 56 3.18 35.90 10.32
C LEU A 56 1.71 35.49 10.22
N THR A 57 0.87 36.38 9.68
CA THR A 57 -0.56 36.12 9.47
C THR A 57 -0.67 35.15 8.28
N GLU A 58 -1.58 34.23 8.39
CA GLU A 58 -1.89 33.23 7.35
C GLU A 58 -2.34 33.94 6.07
N CYS A 59 -1.96 33.39 4.90
CA CYS A 59 -2.42 33.87 3.59
C CYS A 59 -2.08 35.32 3.26
N LYS A 60 -0.97 35.82 3.79
CA LYS A 60 -0.49 37.17 3.57
C LYS A 60 0.97 37.09 3.19
N ASN A 61 1.37 37.83 2.17
CA ASN A 61 2.76 37.86 1.77
C ASN A 61 3.51 38.82 2.69
N ALA A 62 4.70 38.42 3.11
CA ALA A 62 5.60 39.23 3.93
C ALA A 62 6.98 39.22 3.25
N SER A 63 7.69 40.31 3.31
CA SER A 63 9.01 40.36 2.68
C SER A 63 10.08 40.54 3.70
N VAL A 64 11.20 39.86 3.49
CA VAL A 64 12.32 39.92 4.40
C VAL A 64 13.62 40.09 3.59
N SER A 65 14.42 41.09 3.94
CA SER A 65 15.69 41.36 3.25
C SER A 65 16.78 40.67 4.05
N ILE A 66 17.45 39.70 3.43
CA ILE A 66 18.45 38.84 4.07
C ILE A 66 19.85 39.22 3.64
N SER A 67 20.76 39.28 4.63
CA SER A 67 22.18 39.54 4.43
C SER A 67 23.00 38.83 5.51
N HIS A 68 24.33 38.76 5.27
CA HIS A 68 25.34 38.17 6.16
C HIS A 68 26.69 38.83 5.82
N ASN A 69 27.63 38.80 6.76
CA ASN A 69 28.95 39.40 6.58
C ASN A 69 29.78 38.73 5.46
N SER A 70 29.48 37.46 5.15
CA SER A 70 30.11 36.64 4.12
C SER A 70 29.66 37.00 2.68
N CYS A 71 28.75 37.96 2.53
CA CYS A 71 28.23 38.36 1.23
C CYS A 71 28.01 39.85 1.16
N THR A 72 28.01 40.39 -0.05
CA THR A 72 27.87 41.84 -0.26
C THR A 72 26.48 42.24 -0.71
N ALA A 73 26.19 43.55 -0.71
CA ALA A 73 24.94 44.10 -1.20
C ALA A 73 24.83 43.77 -2.73
N PRO A 74 23.62 43.64 -3.35
CA PRO A 74 22.27 43.78 -2.76
C PRO A 74 21.86 42.63 -1.86
N ASP A 75 21.02 42.95 -0.86
CA ASP A 75 20.39 41.99 0.07
C ASP A 75 19.51 41.05 -0.72
N LYS A 76 19.26 39.86 -0.18
CA LYS A 76 18.31 38.94 -0.80
C LYS A 76 16.92 39.29 -0.28
N THR A 77 16.02 39.78 -1.17
CA THR A 77 14.63 40.07 -0.82
C THR A 77 13.85 38.75 -0.96
N LEU A 78 13.40 38.22 0.18
CA LEU A 78 12.67 36.98 0.25
C LEU A 78 11.19 37.22 0.53
N ILE A 79 10.33 36.72 -0.36
CA ILE A 79 8.88 36.84 -0.22
C ILE A 79 8.36 35.59 0.49
N LEU A 80 7.74 35.79 1.65
CA LEU A 80 7.16 34.69 2.41
C LEU A 80 5.69 34.58 2.03
N ASP A 81 5.32 33.53 1.26
CA ASP A 81 3.94 33.28 0.88
C ASP A 81 3.40 32.36 1.98
N VAL A 82 2.82 32.97 3.01
CA VAL A 82 2.35 32.28 4.20
C VAL A 82 1.11 31.40 3.93
N PRO A 83 1.11 30.12 4.38
CA PRO A 83 -0.03 29.22 4.11
C PRO A 83 -1.30 29.51 4.92
N PRO A 84 -2.42 28.78 4.66
CA PRO A 84 -3.61 28.97 5.51
C PRO A 84 -3.40 28.33 6.90
N GLY A 85 -4.19 28.76 7.87
CA GLY A 85 -4.14 28.24 9.23
C GLY A 85 -4.43 26.74 9.27
N VAL A 86 -3.63 26.01 10.02
CA VAL A 86 -3.68 24.55 10.18
C VAL A 86 -5.05 24.06 10.68
N GLU A 87 -5.70 24.82 11.57
CA GLU A 87 -7.01 24.44 12.10
C GLU A 87 -8.16 24.64 11.09
N LYS A 88 -7.86 25.13 9.87
CA LYS A 88 -8.90 25.31 8.85
C LYS A 88 -9.17 24.00 8.03
N PHE A 89 -8.41 22.94 8.32
CA PHE A 89 -8.51 21.65 7.62
C PHE A 89 -8.73 20.54 8.60
N GLN A 90 -9.62 19.61 8.24
CA GLN A 90 -9.92 18.46 9.07
C GLN A 90 -9.93 17.19 8.24
N LEU A 91 -9.14 16.21 8.69
CA LEU A 91 -9.12 14.93 8.02
C LEU A 91 -10.33 14.11 8.51
N HIS A 92 -11.27 13.86 7.60
CA HIS A 92 -12.53 13.18 7.83
C HIS A 92 -12.52 11.76 7.23
N ASP A 93 -13.09 10.79 7.96
CA ASP A 93 -13.22 9.41 7.50
C ASP A 93 -14.60 9.31 6.88
N CYS A 94 -14.68 9.21 5.54
CA CYS A 94 -15.97 9.15 4.83
C CYS A 94 -16.42 7.72 4.56
N THR A 95 -15.74 6.71 5.16
CA THR A 95 -16.08 5.30 4.92
C THR A 95 -17.51 5.02 5.34
N GLN A 96 -18.30 4.45 4.41
CA GLN A 96 -19.68 4.02 4.67
C GLN A 96 -19.61 2.78 5.54
N VAL A 97 -20.22 2.85 6.74
CA VAL A 97 -20.19 1.77 7.75
C VAL A 97 -20.58 0.37 7.23
N GLU A 98 -21.50 0.30 6.26
CA GLU A 98 -21.99 -0.96 5.69
C GLU A 98 -20.95 -1.61 4.77
N LYS A 99 -19.97 -0.81 4.28
CA LYS A 99 -18.91 -1.25 3.38
C LYS A 99 -17.50 -1.09 3.99
N ALA A 100 -17.41 -0.95 5.33
CA ALA A 100 -16.16 -0.73 6.08
C ALA A 100 -15.17 -1.90 6.00
N ASP A 101 -15.65 -3.11 5.73
CA ASP A 101 -14.84 -4.32 5.64
C ASP A 101 -14.06 -4.41 4.32
N THR A 102 -14.44 -3.61 3.31
CA THR A 102 -13.80 -3.70 1.99
C THR A 102 -13.41 -2.33 1.40
N THR A 103 -13.66 -1.24 2.12
CA THR A 103 -13.39 0.09 1.58
C THR A 103 -12.75 1.02 2.61
N ILE A 104 -12.04 2.04 2.12
CA ILE A 104 -11.48 3.14 2.89
C ILE A 104 -11.83 4.40 2.10
N CYS A 105 -12.41 5.40 2.77
CA CYS A 105 -12.66 6.71 2.20
C CYS A 105 -12.10 7.72 3.18
N LEU A 106 -11.18 8.57 2.74
CA LEU A 106 -10.62 9.62 3.58
C LEU A 106 -10.67 10.89 2.77
N LYS A 107 -11.02 11.99 3.44
CA LYS A 107 -11.19 13.27 2.76
C LYS A 107 -10.79 14.41 3.68
N TRP A 108 -10.07 15.38 3.15
CA TRP A 108 -9.77 16.57 3.94
C TRP A 108 -10.95 17.52 3.76
N LYS A 109 -11.46 18.03 4.90
CA LYS A 109 -12.53 19.01 4.87
C LYS A 109 -11.96 20.42 5.15
N ASN A 110 -12.45 21.38 4.38
CA ASN A 110 -12.12 22.78 4.53
C ASN A 110 -13.16 23.36 5.48
N ILE A 111 -12.86 23.40 6.81
CA ILE A 111 -13.82 23.83 7.85
C ILE A 111 -14.04 25.33 8.03
N GLU A 112 -13.14 26.16 7.47
CA GLU A 112 -13.23 27.62 7.51
C GLU A 112 -12.61 28.16 6.24
N THR A 113 -13.13 29.28 5.72
CA THR A 113 -12.59 29.90 4.52
C THR A 113 -11.20 30.51 4.76
N PHE A 114 -10.40 30.58 3.70
CA PHE A 114 -9.09 31.21 3.70
C PHE A 114 -8.93 31.88 2.34
N THR A 115 -8.08 32.92 2.30
CA THR A 115 -7.87 33.70 1.10
C THR A 115 -6.81 33.16 0.17
N CYS A 116 -5.90 32.29 0.63
CA CYS A 116 -4.87 31.65 -0.22
C CYS A 116 -5.57 31.01 -1.43
N ASP A 117 -4.92 31.02 -2.59
CA ASP A 117 -5.45 30.39 -3.80
C ASP A 117 -5.34 28.86 -3.60
N THR A 118 -6.44 28.15 -3.83
CA THR A 118 -6.50 26.68 -3.66
C THR A 118 -5.69 25.92 -4.71
N GLN A 119 -5.36 26.54 -5.85
CA GLN A 119 -4.59 25.90 -6.90
C GLN A 119 -3.18 25.56 -6.45
N ASN A 120 -2.71 26.21 -5.37
CA ASN A 120 -1.39 25.98 -4.80
C ASN A 120 -1.42 25.05 -3.58
N ILE A 121 -2.63 24.53 -3.28
CA ILE A 121 -2.87 23.59 -2.18
C ILE A 121 -2.93 22.15 -2.71
N THR A 122 -2.01 21.31 -2.23
CA THR A 122 -1.94 19.90 -2.61
C THR A 122 -2.09 18.95 -1.37
N TYR A 123 -2.90 17.91 -1.53
CA TYR A 123 -3.16 16.95 -0.46
C TYR A 123 -2.51 15.63 -0.83
N ARG A 124 -1.73 15.05 0.07
CA ARG A 124 -1.05 13.78 -0.20
C ARG A 124 -1.42 12.77 0.84
N PHE A 125 -1.56 11.50 0.44
CA PHE A 125 -1.92 10.40 1.37
C PHE A 125 -1.00 9.25 1.11
N GLN A 126 -0.69 8.51 2.17
CA GLN A 126 0.06 7.27 2.11
C GLN A 126 -0.66 6.26 2.98
N CYS A 127 -1.23 5.22 2.34
CA CYS A 127 -1.93 4.10 2.96
C CYS A 127 -1.13 2.90 2.54
N GLY A 128 -0.66 2.16 3.53
CA GLY A 128 0.29 1.08 3.30
C GLY A 128 1.50 1.85 2.80
N ASN A 129 1.92 1.49 1.57
CA ASN A 129 2.97 2.19 0.86
C ASN A 129 2.44 2.83 -0.42
N MET A 130 1.11 2.87 -0.64
CA MET A 130 0.49 3.49 -1.83
C MET A 130 0.40 4.99 -1.56
N ILE A 131 0.85 5.82 -2.52
CA ILE A 131 0.84 7.29 -2.39
C ILE A 131 -0.17 7.90 -3.34
N PHE A 132 -1.06 8.70 -2.78
CA PHE A 132 -2.13 9.37 -3.50
C PHE A 132 -1.94 10.89 -3.47
N ASP A 133 -2.39 11.57 -4.51
CA ASP A 133 -2.38 13.04 -4.59
C ASP A 133 -3.79 13.47 -5.00
N ASN A 134 -4.59 13.87 -4.04
CA ASN A 134 -5.98 14.33 -4.16
C ASN A 134 -6.51 14.68 -2.78
N LYS A 135 -7.51 15.59 -2.72
CA LYS A 135 -8.23 16.04 -1.52
C LYS A 135 -8.93 14.87 -0.83
N GLU A 136 -9.45 13.93 -1.63
CA GLU A 136 -10.10 12.73 -1.17
C GLU A 136 -9.65 11.50 -1.86
N ILE A 137 -9.56 10.39 -1.11
CA ILE A 137 -9.14 9.10 -1.63
C ILE A 137 -10.14 8.03 -1.26
N LYS A 138 -10.34 7.05 -2.15
CA LYS A 138 -11.28 5.97 -1.91
C LYS A 138 -10.65 4.70 -2.40
N LEU A 139 -10.57 3.69 -1.57
CA LEU A 139 -10.07 2.36 -1.91
C LEU A 139 -11.23 1.40 -1.77
N GLU A 140 -11.38 0.50 -2.75
CA GLU A 140 -12.45 -0.47 -2.80
C GLU A 140 -11.88 -1.86 -3.00
N ASN A 141 -12.69 -2.93 -2.70
CA ASN A 141 -12.30 -4.35 -2.88
C ASN A 141 -11.18 -4.78 -1.98
N LEU A 142 -11.03 -4.08 -0.85
CA LEU A 142 -10.01 -4.42 0.12
C LEU A 142 -10.39 -5.72 0.78
N GLU A 143 -9.37 -6.50 1.15
CA GLU A 143 -9.60 -7.73 1.84
C GLU A 143 -9.98 -7.39 3.29
N PRO A 144 -11.05 -7.98 3.88
CA PRO A 144 -11.36 -7.70 5.31
C PRO A 144 -10.27 -8.16 6.28
N GLU A 145 -10.29 -7.59 7.52
CA GLU A 145 -9.42 -7.99 8.65
C GLU A 145 -7.96 -7.57 8.56
N HIS A 146 -7.71 -6.38 8.01
CA HIS A 146 -6.39 -5.79 7.91
C HIS A 146 -6.44 -4.43 8.55
N GLU A 147 -5.28 -3.93 8.97
CA GLU A 147 -5.14 -2.65 9.60
C GLU A 147 -4.11 -1.80 8.89
N TYR A 148 -4.45 -0.54 8.59
CA TYR A 148 -3.55 0.34 7.90
C TYR A 148 -3.40 1.65 8.62
N LYS A 149 -2.20 2.19 8.60
CA LYS A 149 -1.94 3.52 9.10
C LYS A 149 -1.88 4.42 7.85
N CYS A 150 -2.90 5.24 7.66
CA CYS A 150 -2.96 6.17 6.55
C CYS A 150 -2.43 7.54 7.02
N ASP A 151 -1.28 7.94 6.50
CA ASP A 151 -0.68 9.24 6.78
C ASP A 151 -1.05 10.23 5.67
N SER A 152 -1.22 11.48 6.02
CA SER A 152 -1.57 12.52 5.05
C SER A 152 -0.89 13.84 5.40
N GLU A 153 -0.62 14.65 4.39
CA GLU A 153 -0.06 15.99 4.58
C GLU A 153 -0.67 16.97 3.60
N ILE A 154 -0.64 18.25 3.94
CA ILE A 154 -1.10 19.34 3.07
C ILE A 154 0.07 20.24 2.78
N LEU A 155 0.28 20.50 1.48
CA LEU A 155 1.32 21.37 0.96
C LEU A 155 0.67 22.63 0.40
N TYR A 156 1.39 23.74 0.54
CA TYR A 156 1.08 25.06 -0.03
C TYR A 156 2.34 25.46 -0.79
N ASN A 157 2.25 25.63 -2.12
CA ASN A 157 3.44 25.89 -2.97
C ASN A 157 4.54 24.84 -2.73
N ASN A 158 4.15 23.55 -2.57
CA ASN A 158 5.04 22.41 -2.30
C ASN A 158 5.66 22.42 -0.90
N HIS A 159 5.20 23.34 -0.02
CA HIS A 159 5.62 23.51 1.38
C HIS A 159 4.66 22.73 2.25
N LYS A 160 5.13 21.75 3.04
CA LYS A 160 4.24 21.04 3.97
C LYS A 160 4.00 21.99 5.12
N PHE A 161 2.71 22.28 5.42
CA PHE A 161 2.38 23.15 6.55
C PHE A 161 1.54 22.42 7.61
N THR A 162 0.93 21.28 7.24
CA THR A 162 0.11 20.46 8.14
C THR A 162 0.08 19.00 7.72
N ASN A 163 -0.29 18.14 8.65
CA ASN A 163 -0.35 16.72 8.44
C ASN A 163 -1.20 16.04 9.53
N ALA A 164 -1.64 14.79 9.28
CA ALA A 164 -2.45 13.98 10.21
C ALA A 164 -2.37 12.51 9.79
N SER A 165 -2.78 11.64 10.70
CA SER A 165 -2.76 10.20 10.54
C SER A 165 -4.07 9.60 10.92
N LYS A 166 -4.42 8.53 10.24
CA LYS A 166 -5.62 7.80 10.58
C LYS A 166 -5.34 6.29 10.48
N ILE A 167 -5.61 5.58 11.56
CA ILE A 167 -5.48 4.12 11.60
C ILE A 167 -6.87 3.56 11.26
N ILE A 168 -6.96 2.76 10.18
CA ILE A 168 -8.21 2.16 9.68
C ILE A 168 -8.08 0.65 9.68
N LYS A 169 -9.13 -0.03 10.09
CA LYS A 169 -9.28 -1.48 10.07
C LYS A 169 -10.33 -1.84 9.05
N THR A 170 -10.10 -2.90 8.25
CA THR A 170 -11.12 -3.36 7.29
C THR A 170 -12.07 -4.36 7.95
N ASP A 171 -12.88 -3.86 8.89
CA ASP A 171 -13.94 -4.60 9.61
C ASP A 171 -15.01 -3.61 10.10
N PHE A 172 -15.99 -4.10 10.89
CA PHE A 172 -17.10 -3.31 11.42
C PHE A 172 -16.92 -2.78 12.86
N GLY A 173 -15.81 -3.18 13.51
CA GLY A 173 -15.46 -2.80 14.87
C GLY A 173 -14.61 -3.84 15.58
N THR B 2 6.92 -44.03 28.38
CA THR B 2 7.61 -44.36 29.63
C THR B 2 6.97 -45.54 30.40
N GLY B 3 5.64 -45.53 30.51
CA GLY B 3 4.85 -46.59 31.14
C GLY B 3 4.09 -47.35 30.08
N ILE B 4 2.73 -47.39 30.17
CA ILE B 4 1.88 -48.06 29.18
C ILE B 4 2.04 -47.45 27.79
N GLU B 5 2.11 -48.31 26.77
CA GLU B 5 2.23 -47.91 25.38
C GLU B 5 0.94 -47.15 24.99
N GLY B 6 1.13 -46.01 24.32
CA GLY B 6 0.04 -45.13 23.93
C GLY B 6 -0.84 -45.78 22.89
N ARG B 7 -2.17 -45.63 23.07
CA ARG B 7 -3.15 -46.19 22.14
C ARG B 7 -2.98 -45.55 20.79
N LYS B 8 -2.97 -46.40 19.76
CA LYS B 8 -2.85 -45.94 18.39
C LYS B 8 -4.19 -45.28 18.00
N PRO B 9 -4.15 -44.09 17.38
CA PRO B 9 -5.41 -43.45 16.93
C PRO B 9 -5.93 -44.13 15.68
N THR B 10 -7.14 -43.77 15.25
CA THR B 10 -7.62 -44.25 13.96
C THR B 10 -6.89 -43.36 12.96
N CYS B 11 -6.69 -43.82 11.73
CA CYS B 11 -5.99 -42.97 10.73
C CYS B 11 -6.82 -41.77 10.36
N ASP B 12 -8.16 -41.94 10.42
CA ASP B 12 -9.15 -40.89 10.21
C ASP B 12 -9.00 -39.80 11.30
N GLU B 13 -8.58 -40.19 12.52
CA GLU B 13 -8.33 -39.30 13.66
C GLU B 13 -6.94 -38.62 13.53
N LYS B 14 -5.88 -39.39 13.20
CA LYS B 14 -4.50 -38.90 13.07
C LYS B 14 -4.36 -37.90 11.93
N TYR B 15 -5.06 -38.15 10.81
CA TYR B 15 -4.98 -37.31 9.63
C TYR B 15 -6.13 -36.30 9.51
N ALA B 16 -6.48 -35.70 10.67
CA ALA B 16 -7.52 -34.69 10.83
C ALA B 16 -7.00 -33.39 10.30
N ASN B 17 -5.72 -33.07 10.65
CA ASN B 17 -5.07 -31.83 10.18
C ASN B 17 -4.46 -31.98 8.78
N ILE B 18 -4.93 -33.00 7.99
CA ILE B 18 -4.38 -33.20 6.64
C ILE B 18 -4.72 -32.12 5.59
N THR B 19 -3.68 -31.39 5.18
CA THR B 19 -3.77 -30.39 4.11
C THR B 19 -2.98 -30.90 2.90
N VAL B 20 -3.30 -30.34 1.73
CA VAL B 20 -2.76 -30.70 0.44
C VAL B 20 -2.30 -29.43 -0.29
N ASP B 21 -1.18 -29.51 -1.02
CA ASP B 21 -0.75 -28.43 -1.90
C ASP B 21 -0.83 -28.95 -3.32
N TYR B 22 -1.37 -28.14 -4.23
CA TYR B 22 -1.51 -28.50 -5.65
C TYR B 22 -0.40 -27.93 -6.50
N LEU B 23 0.34 -28.80 -7.18
CA LEU B 23 1.47 -28.39 -8.02
C LEU B 23 1.14 -28.77 -9.47
N TYR B 24 0.98 -27.75 -10.33
CA TYR B 24 0.66 -27.95 -11.75
C TYR B 24 1.86 -28.27 -12.57
N ASN B 25 1.71 -29.23 -13.48
CA ASN B 25 2.73 -29.57 -14.43
C ASN B 25 2.21 -29.01 -15.79
N LYS B 26 2.88 -27.96 -16.30
CA LYS B 26 2.50 -27.30 -17.58
C LYS B 26 2.62 -28.23 -18.80
N GLU B 27 3.59 -29.20 -18.76
CA GLU B 27 3.85 -30.18 -19.81
C GLU B 27 2.74 -31.21 -19.92
N THR B 28 2.28 -31.73 -18.77
CA THR B 28 1.25 -32.77 -18.76
C THR B 28 -0.15 -32.21 -18.66
N LYS B 29 -0.29 -30.95 -18.21
CA LYS B 29 -1.59 -30.27 -17.97
C LYS B 29 -2.32 -30.96 -16.80
N LEU B 30 -1.54 -31.63 -15.90
CA LEU B 30 -2.04 -32.38 -14.75
C LEU B 30 -1.47 -31.82 -13.46
N PHE B 31 -2.20 -32.04 -12.36
CA PHE B 31 -1.80 -31.59 -11.03
C PHE B 31 -1.21 -32.74 -10.24
N THR B 32 -0.33 -32.39 -9.32
CA THR B 32 0.22 -33.27 -8.29
C THR B 32 -0.34 -32.72 -6.96
N ALA B 33 -0.89 -33.59 -6.11
CA ALA B 33 -1.36 -33.20 -4.78
C ALA B 33 -0.27 -33.61 -3.81
N LYS B 34 0.36 -32.65 -3.13
CA LYS B 34 1.36 -32.98 -2.12
C LYS B 34 0.67 -33.01 -0.76
N LEU B 35 0.72 -34.18 -0.08
CA LEU B 35 0.14 -34.39 1.25
C LEU B 35 1.07 -33.76 2.30
N ASN B 36 0.54 -32.83 3.09
CA ASN B 36 1.33 -32.13 4.11
C ASN B 36 1.39 -32.94 5.39
N VAL B 37 2.25 -33.98 5.37
CA VAL B 37 2.50 -34.91 6.46
C VAL B 37 4.00 -35.20 6.53
N ASN B 38 4.51 -35.46 7.74
CA ASN B 38 5.92 -35.77 7.96
C ASN B 38 6.26 -37.20 7.48
N GLU B 39 5.62 -38.22 8.10
CA GLU B 39 5.77 -39.65 7.82
C GLU B 39 5.40 -40.09 6.39
N ASN B 40 6.04 -41.18 5.91
CA ASN B 40 5.77 -41.79 4.61
C ASN B 40 4.50 -42.64 4.72
N VAL B 41 3.40 -42.03 4.28
CA VAL B 41 2.03 -42.50 4.28
C VAL B 41 1.76 -43.52 3.16
N GLU B 42 0.80 -44.43 3.38
CA GLU B 42 0.41 -45.44 2.39
C GLU B 42 -0.96 -45.05 1.84
N CYS B 43 -1.14 -45.17 0.51
CA CYS B 43 -2.41 -44.86 -0.13
C CYS B 43 -2.97 -46.06 -0.85
N GLY B 44 -4.23 -46.33 -0.58
CA GLY B 44 -4.99 -47.42 -1.17
C GLY B 44 -6.16 -46.88 -2.00
N ASN B 45 -6.36 -47.35 -3.25
CA ASN B 45 -5.56 -48.35 -3.98
C ASN B 45 -4.35 -47.64 -4.60
N ASN B 46 -4.62 -46.49 -5.27
CA ASN B 46 -3.69 -45.60 -5.98
C ASN B 46 -2.46 -45.19 -5.16
N THR B 47 -1.28 -45.22 -5.79
CA THR B 47 0.00 -44.91 -5.17
C THR B 47 0.15 -43.41 -4.81
N CYS B 48 0.95 -43.14 -3.77
CA CYS B 48 1.29 -41.80 -3.33
C CYS B 48 2.76 -41.73 -2.87
N THR B 49 3.64 -42.04 -3.85
CA THR B 49 5.10 -42.04 -3.70
C THR B 49 5.60 -40.65 -3.32
N ASN B 50 6.41 -40.58 -2.23
CA ASN B 50 6.98 -39.37 -1.64
C ASN B 50 5.88 -38.39 -1.16
N ASN B 51 4.74 -38.95 -0.70
CA ASN B 51 3.54 -38.23 -0.21
C ASN B 51 2.91 -37.30 -1.28
N GLU B 52 2.95 -37.74 -2.53
CA GLU B 52 2.43 -36.99 -3.67
C GLU B 52 1.47 -37.85 -4.49
N VAL B 53 0.28 -37.32 -4.81
CA VAL B 53 -0.67 -38.01 -5.69
C VAL B 53 -0.53 -37.32 -7.05
N HIS B 54 -0.02 -38.03 -8.05
CA HIS B 54 0.26 -37.49 -9.39
C HIS B 54 -0.86 -37.67 -10.39
N ASN B 55 -0.77 -36.92 -11.50
CA ASN B 55 -1.64 -37.03 -12.66
C ASN B 55 -3.12 -36.87 -12.38
N LEU B 56 -3.45 -35.79 -11.67
CA LEU B 56 -4.83 -35.46 -11.35
C LEU B 56 -5.36 -34.47 -12.39
N THR B 57 -6.51 -34.78 -12.98
CA THR B 57 -7.20 -33.90 -13.93
C THR B 57 -7.79 -32.73 -13.16
N GLU B 58 -7.71 -31.56 -13.74
CA GLU B 58 -8.24 -30.33 -13.20
C GLU B 58 -9.76 -30.45 -13.02
N CYS B 59 -10.30 -29.82 -11.96
CA CYS B 59 -11.73 -29.75 -11.71
C CYS B 59 -12.47 -31.08 -11.58
N LYS B 60 -11.78 -32.11 -11.10
CA LYS B 60 -12.34 -33.44 -10.90
C LYS B 60 -12.01 -33.87 -9.50
N ASN B 61 -12.99 -34.45 -8.79
CA ASN B 61 -12.72 -34.97 -7.45
C ASN B 61 -12.07 -36.32 -7.59
N ALA B 62 -11.03 -36.52 -6.79
CA ALA B 62 -10.29 -37.76 -6.70
C ALA B 62 -10.34 -38.18 -5.23
N SER B 63 -10.26 -39.47 -4.97
CA SER B 63 -10.34 -39.93 -3.59
C SER B 63 -9.09 -40.72 -3.25
N VAL B 64 -8.52 -40.44 -2.08
CA VAL B 64 -7.33 -41.13 -1.60
C VAL B 64 -7.59 -41.65 -0.17
N SER B 65 -7.30 -42.92 0.08
CA SER B 65 -7.48 -43.51 1.41
C SER B 65 -6.10 -43.59 2.08
N ILE B 66 -5.93 -42.82 3.15
CA ILE B 66 -4.65 -42.68 3.83
C ILE B 66 -4.57 -43.50 5.11
N SER B 67 -3.53 -44.34 5.23
CA SER B 67 -3.23 -45.13 6.42
C SER B 67 -1.71 -45.07 6.72
N HIS B 68 -1.29 -45.56 7.91
CA HIS B 68 0.10 -45.60 8.37
C HIS B 68 0.21 -46.58 9.55
N ASN B 69 1.38 -47.25 9.70
CA ASN B 69 1.60 -48.25 10.75
C ASN B 69 1.33 -47.73 12.16
N SER B 70 1.50 -46.41 12.36
CA SER B 70 1.27 -45.72 13.63
C SER B 70 -0.23 -45.50 13.95
N CYS B 71 -1.15 -45.89 13.04
CA CYS B 71 -2.59 -45.72 13.27
C CYS B 71 -3.43 -46.89 12.82
N THR B 72 -4.60 -47.05 13.44
CA THR B 72 -5.52 -48.14 13.14
C THR B 72 -6.60 -47.75 12.13
N ALA B 73 -7.42 -48.73 11.70
CA ALA B 73 -8.56 -48.53 10.80
C ALA B 73 -9.66 -47.74 11.56
N PRO B 74 -10.53 -46.92 10.91
CA PRO B 74 -10.64 -46.67 9.46
C PRO B 74 -9.55 -45.77 8.91
N ASP B 75 -9.29 -45.96 7.62
CA ASP B 75 -8.37 -45.15 6.82
C ASP B 75 -8.95 -43.76 6.71
N LYS B 76 -8.09 -42.75 6.60
CA LYS B 76 -8.57 -41.38 6.38
C LYS B 76 -8.91 -41.28 4.89
N THR B 77 -10.21 -41.18 4.57
CA THR B 77 -10.63 -40.99 3.19
C THR B 77 -10.54 -39.49 2.90
N LEU B 78 -9.60 -39.13 2.03
CA LEU B 78 -9.34 -37.73 1.66
C LEU B 78 -9.85 -37.44 0.27
N ILE B 79 -10.73 -36.43 0.17
CA ILE B 79 -11.30 -35.99 -1.11
C ILE B 79 -10.44 -34.87 -1.65
N LEU B 80 -9.87 -35.08 -2.83
CA LEU B 80 -9.05 -34.07 -3.48
C LEU B 80 -9.94 -33.29 -4.45
N ASP B 81 -10.26 -32.04 -4.13
CA ASP B 81 -11.04 -31.16 -4.99
C ASP B 81 -9.98 -30.41 -5.81
N VAL B 82 -9.63 -30.97 -6.98
CA VAL B 82 -8.57 -30.46 -7.84
C VAL B 82 -8.94 -29.12 -8.49
N PRO B 83 -8.04 -28.09 -8.46
CA PRO B 83 -8.37 -26.77 -9.04
C PRO B 83 -8.36 -26.70 -10.56
N PRO B 84 -8.74 -25.54 -11.16
CA PRO B 84 -8.65 -25.43 -12.63
C PRO B 84 -7.19 -25.27 -13.07
N GLY B 85 -6.92 -25.55 -14.34
CA GLY B 85 -5.58 -25.46 -14.91
C GLY B 85 -5.05 -24.02 -14.82
N VAL B 86 -3.81 -23.88 -14.40
CA VAL B 86 -3.09 -22.62 -14.20
C VAL B 86 -3.06 -21.76 -15.47
N GLU B 87 -2.94 -22.39 -16.65
CA GLU B 87 -2.89 -21.66 -17.92
C GLU B 87 -4.27 -21.13 -18.37
N LYS B 88 -5.32 -21.40 -17.62
CA LYS B 88 -6.66 -20.89 -17.97
C LYS B 88 -6.90 -19.45 -17.43
N PHE B 89 -5.91 -18.92 -16.68
CA PHE B 89 -5.96 -17.58 -16.12
C PHE B 89 -4.80 -16.73 -16.58
N GLN B 90 -5.09 -15.45 -16.85
CA GLN B 90 -4.09 -14.48 -17.27
C GLN B 90 -4.24 -13.16 -16.55
N LEU B 91 -3.15 -12.71 -15.93
CA LEU B 91 -3.17 -11.42 -15.26
C LEU B 91 -2.95 -10.34 -16.32
N HIS B 92 -3.99 -9.52 -16.54
CA HIS B 92 -4.06 -8.46 -17.55
C HIS B 92 -3.98 -7.07 -16.89
N ASP B 93 -3.23 -6.15 -17.51
CA ASP B 93 -3.09 -4.77 -17.07
C ASP B 93 -4.13 -3.99 -17.84
N CYS B 94 -5.22 -3.56 -17.18
CA CYS B 94 -6.31 -2.82 -17.83
C CYS B 94 -6.14 -1.31 -17.72
N THR B 95 -4.96 -0.84 -17.26
CA THR B 95 -4.72 0.60 -17.08
C THR B 95 -4.87 1.33 -18.41
N GLN B 96 -5.72 2.38 -18.42
CA GLN B 96 -5.94 3.25 -19.58
C GLN B 96 -4.70 4.10 -19.71
N VAL B 97 -4.02 4.02 -20.87
CA VAL B 97 -2.75 4.74 -21.15
C VAL B 97 -2.78 6.24 -20.87
N GLU B 98 -3.92 6.90 -21.08
CA GLU B 98 -4.09 8.34 -20.88
C GLU B 98 -4.13 8.72 -19.39
N LYS B 99 -4.44 7.74 -18.52
CA LYS B 99 -4.54 7.92 -17.08
C LYS B 99 -3.52 7.06 -16.30
N ALA B 100 -2.45 6.60 -16.96
CA ALA B 100 -1.41 5.73 -16.40
C ALA B 100 -0.59 6.38 -15.27
N ASP B 101 -0.53 7.71 -15.25
CA ASP B 101 0.23 8.46 -14.26
C ASP B 101 -0.50 8.55 -12.91
N THR B 102 -1.81 8.25 -12.86
CA THR B 102 -2.58 8.37 -11.63
C THR B 102 -3.45 7.14 -11.31
N THR B 103 -3.40 6.10 -12.13
CA THR B 103 -4.26 4.94 -11.94
C THR B 103 -3.54 3.63 -12.18
N ILE B 104 -4.05 2.56 -11.56
CA ILE B 104 -3.62 1.18 -11.76
C ILE B 104 -4.91 0.38 -11.92
N CYS B 105 -5.00 -0.44 -12.96
CA CYS B 105 -6.10 -1.36 -13.17
C CYS B 105 -5.47 -2.72 -13.48
N LEU B 106 -5.78 -3.73 -12.68
CA LEU B 106 -5.28 -5.09 -12.91
C LEU B 106 -6.47 -6.01 -12.81
N LYS B 107 -6.51 -6.99 -13.69
CA LYS B 107 -7.64 -7.90 -13.76
C LYS B 107 -7.19 -9.28 -14.18
N TRP B 108 -7.71 -10.32 -13.52
CA TRP B 108 -7.43 -11.68 -13.96
C TRP B 108 -8.44 -12.02 -15.04
N LYS B 109 -7.95 -12.54 -16.17
CA LYS B 109 -8.82 -12.95 -17.26
C LYS B 109 -8.91 -14.48 -17.28
N ASN B 110 -10.11 -15.00 -17.42
CA ASN B 110 -10.17 -16.44 -17.54
C ASN B 110 -10.31 -16.73 -19.03
N ILE B 111 -9.17 -17.11 -19.61
CA ILE B 111 -8.94 -17.32 -21.05
C ILE B 111 -9.53 -18.60 -21.66
N GLU B 112 -9.95 -19.56 -20.81
CA GLU B 112 -10.59 -20.80 -21.22
C GLU B 112 -11.55 -21.21 -20.12
N THR B 113 -12.65 -21.85 -20.50
CA THR B 113 -13.65 -22.31 -19.53
C THR B 113 -13.13 -23.48 -18.68
N PHE B 114 -13.68 -23.63 -17.48
CA PHE B 114 -13.38 -24.72 -16.57
C PHE B 114 -14.67 -25.04 -15.84
N THR B 115 -14.79 -26.29 -15.35
CA THR B 115 -16.00 -26.75 -14.68
C THR B 115 -16.08 -26.43 -13.19
N CYS B 116 -14.93 -26.13 -12.51
CA CYS B 116 -14.89 -25.77 -11.08
C CYS B 116 -15.90 -24.63 -10.82
N ASP B 117 -16.55 -24.65 -9.67
CA ASP B 117 -17.50 -23.64 -9.24
C ASP B 117 -16.72 -22.33 -8.95
N THR B 118 -17.19 -21.22 -9.52
CA THR B 118 -16.57 -19.88 -9.40
C THR B 118 -16.67 -19.36 -7.95
N GLN B 119 -17.67 -19.81 -7.16
CA GLN B 119 -17.84 -19.38 -5.78
C GLN B 119 -16.66 -19.82 -4.86
N ASN B 120 -15.87 -20.80 -5.34
CA ASN B 120 -14.74 -21.39 -4.62
C ASN B 120 -13.41 -20.81 -4.99
N ILE B 121 -13.43 -19.89 -5.96
CA ILE B 121 -12.24 -19.24 -6.46
C ILE B 121 -12.14 -17.84 -5.90
N THR B 122 -11.00 -17.55 -5.28
CA THR B 122 -10.76 -16.21 -4.78
C THR B 122 -9.47 -15.62 -5.37
N TYR B 123 -9.51 -14.35 -5.76
CA TYR B 123 -8.36 -13.63 -6.32
C TYR B 123 -7.87 -12.65 -5.29
N ARG B 124 -6.56 -12.64 -5.01
CA ARG B 124 -5.98 -11.74 -4.01
C ARG B 124 -4.88 -10.94 -4.63
N PHE B 125 -4.78 -9.66 -4.27
CA PHE B 125 -3.74 -8.76 -4.78
C PHE B 125 -3.10 -8.04 -3.63
N GLN B 126 -1.81 -7.75 -3.76
CA GLN B 126 -1.06 -6.94 -2.85
C GLN B 126 -0.26 -5.95 -3.68
N CYS B 127 -0.60 -4.65 -3.57
CA CYS B 127 0.05 -3.51 -4.22
C CYS B 127 0.53 -2.66 -3.09
N GLY B 128 1.84 -2.42 -3.06
CA GLY B 128 2.47 -1.78 -1.93
C GLY B 128 2.28 -2.82 -0.84
N ASN B 129 1.60 -2.40 0.23
CA ASN B 129 1.18 -3.26 1.31
C ASN B 129 -0.36 -3.31 1.42
N MET B 130 -1.11 -2.77 0.44
CA MET B 130 -2.59 -2.83 0.44
C MET B 130 -2.99 -4.19 -0.12
N ILE B 131 -3.89 -4.90 0.57
CA ILE B 131 -4.37 -6.23 0.16
C ILE B 131 -5.82 -6.14 -0.28
N PHE B 132 -6.07 -6.62 -1.48
CA PHE B 132 -7.37 -6.64 -2.12
C PHE B 132 -7.87 -8.08 -2.33
N ASP B 133 -9.19 -8.25 -2.30
CA ASP B 133 -9.83 -9.54 -2.58
C ASP B 133 -10.92 -9.26 -3.60
N ASN B 134 -10.63 -9.52 -4.87
CA ASN B 134 -11.51 -9.34 -6.04
C ASN B 134 -10.76 -9.76 -7.30
N LYS B 135 -11.48 -10.15 -8.34
CA LYS B 135 -10.99 -10.56 -9.68
C LYS B 135 -10.25 -9.40 -10.35
N GLU B 136 -10.74 -8.17 -10.14
CA GLU B 136 -10.15 -6.96 -10.64
C GLU B 136 -10.03 -5.88 -9.60
N ILE B 137 -8.95 -5.10 -9.70
CA ILE B 137 -8.66 -4.00 -8.80
C ILE B 137 -8.37 -2.73 -9.57
N LYS B 138 -8.80 -1.59 -9.04
CA LYS B 138 -8.57 -0.31 -9.71
C LYS B 138 -8.23 0.70 -8.66
N LEU B 139 -7.09 1.36 -8.79
CA LEU B 139 -6.66 2.42 -7.89
C LEU B 139 -6.64 3.71 -8.69
N GLU B 140 -7.14 4.79 -8.10
CA GLU B 140 -7.22 6.10 -8.74
C GLU B 140 -6.60 7.17 -7.83
N ASN B 141 -6.28 8.35 -8.40
CA ASN B 141 -5.70 9.52 -7.69
C ASN B 141 -4.31 9.24 -7.16
N LEU B 142 -3.61 8.29 -7.80
CA LEU B 142 -2.26 7.96 -7.38
C LEU B 142 -1.36 9.10 -7.73
N GLU B 143 -0.33 9.32 -6.91
CA GLU B 143 0.64 10.32 -7.19
C GLU B 143 1.54 9.83 -8.34
N PRO B 144 1.82 10.63 -9.41
CA PRO B 144 2.74 10.16 -10.47
C PRO B 144 4.17 9.89 -9.98
N GLU B 145 4.95 9.12 -10.77
CA GLU B 145 6.39 8.88 -10.57
C GLU B 145 6.75 7.95 -9.41
N HIS B 146 5.93 6.91 -9.21
CA HIS B 146 6.16 5.89 -8.20
C HIS B 146 6.14 4.54 -8.89
N GLU B 147 6.77 3.56 -8.27
CA GLU B 147 6.83 2.21 -8.79
C GLU B 147 6.33 1.20 -7.76
N TYR B 148 5.46 0.30 -8.19
CA TYR B 148 4.91 -0.69 -7.28
C TYR B 148 5.04 -2.07 -7.83
N LYS B 149 5.32 -3.03 -6.95
CA LYS B 149 5.30 -4.44 -7.34
C LYS B 149 3.95 -4.97 -6.81
N CYS B 150 3.03 -5.26 -7.73
CA CYS B 150 1.72 -5.80 -7.42
C CYS B 150 1.79 -7.33 -7.56
N ASP B 151 1.69 -8.03 -6.43
CA ASP B 151 1.66 -9.48 -6.39
C ASP B 151 0.20 -9.95 -6.32
N SER B 152 -0.10 -11.07 -6.96
CA SER B 152 -1.44 -11.62 -6.95
C SER B 152 -1.40 -13.16 -6.89
N GLU B 153 -2.43 -13.75 -6.30
CA GLU B 153 -2.57 -15.21 -6.25
C GLU B 153 -4.02 -15.59 -6.44
N ILE B 154 -4.25 -16.82 -6.92
CA ILE B 154 -5.59 -17.40 -7.06
C ILE B 154 -5.70 -18.59 -6.16
N LEU B 155 -6.76 -18.62 -5.35
CA LEU B 155 -7.04 -19.70 -4.42
C LEU B 155 -8.27 -20.45 -4.90
N TYR B 156 -8.28 -21.78 -4.65
CA TYR B 156 -9.43 -22.63 -4.92
C TYR B 156 -9.69 -23.35 -3.59
N ASN B 157 -10.88 -23.12 -2.97
CA ASN B 157 -11.24 -23.61 -1.66
C ASN B 157 -10.20 -23.14 -0.64
N ASN B 158 -9.68 -21.89 -0.80
CA ASN B 158 -8.62 -21.32 0.05
C ASN B 158 -7.21 -21.91 -0.09
N HIS B 159 -6.98 -22.80 -1.08
CA HIS B 159 -5.70 -23.40 -1.41
C HIS B 159 -5.14 -22.58 -2.60
N LYS B 160 -3.94 -21.99 -2.48
CA LYS B 160 -3.31 -21.28 -3.59
C LYS B 160 -2.86 -22.28 -4.64
N PHE B 161 -3.29 -22.08 -5.91
CA PHE B 161 -2.87 -22.98 -6.99
C PHE B 161 -2.06 -22.25 -8.08
N THR B 162 -2.14 -20.92 -8.10
CA THR B 162 -1.42 -20.07 -9.07
C THR B 162 -1.19 -18.67 -8.53
N ASN B 163 -0.24 -17.98 -9.14
CA ASN B 163 0.13 -16.62 -8.74
C ASN B 163 0.92 -15.94 -9.86
N ALA B 164 1.04 -14.59 -9.79
CA ALA B 164 1.78 -13.76 -10.76
C ALA B 164 2.06 -12.40 -10.14
N SER B 165 2.99 -11.67 -10.74
CA SER B 165 3.43 -10.37 -10.30
C SER B 165 3.43 -9.40 -11.45
N LYS B 166 3.16 -8.15 -11.13
CA LYS B 166 3.24 -7.09 -12.12
C LYS B 166 3.89 -5.86 -11.49
N ILE B 167 4.95 -5.36 -12.11
CA ILE B 167 5.62 -4.12 -11.68
C ILE B 167 5.00 -3.00 -12.49
N ILE B 168 4.42 -2.01 -11.79
CA ILE B 168 3.73 -0.87 -12.43
C ILE B 168 4.35 0.43 -11.96
N LYS B 169 4.50 1.36 -12.89
CA LYS B 169 5.00 2.70 -12.67
C LYS B 169 3.86 3.67 -12.91
N THR B 170 3.73 4.71 -12.08
CA THR B 170 2.71 5.74 -12.30
C THR B 170 3.27 6.86 -13.19
N ASP B 171 3.50 6.52 -14.46
CA ASP B 171 3.94 7.43 -15.53
C ASP B 171 3.54 6.88 -16.92
N PHE B 172 4.03 7.54 -17.99
CA PHE B 172 3.78 7.25 -19.41
C PHE B 172 5.05 6.70 -20.08
#